data_2XZ4
#
_entry.id   2XZ4
#
_cell.length_a   74.802
_cell.length_b   113.443
_cell.length_c   37.532
_cell.angle_alpha   90.00
_cell.angle_beta   90.00
_cell.angle_gamma   90.00
#
_symmetry.space_group_name_H-M   'P 21 21 2'
#
loop_
_entity.id
_entity.type
_entity.pdbx_description
1 polymer 'PEPTIDOGLYCAN-RECOGNITION PROTEIN LF'
2 non-polymer 'COPPER (II) ION'
3 non-polymer 1,2-ETHANEDIOL
4 non-polymer 2-(2-{2-[2-(2-METHOXY-ETHOXY)-ETHOXY]-ETHOXY}-ETHOXY)-ETHANOL
5 water water
#
_entity_poly.entity_id   1
_entity_poly.type   'polypeptide(L)'
_entity_poly.pdbx_seq_one_letter_code
;RSSPNKGLHILDRSEWLGEPPSGKYPHLKLPVSNIIIHHTATEGCEQEDVCIYRMKTIQAFHMKSFGWVDIGYNFLVGGD
GQIYVGRGWHIQGQHVNGYGAISVSIAFIGTFVNMEPPARQIEAAKRLMDEGVRLHRLQPDYHIYAHRQLSPTESPGQKL
FELMQNWPRFTQDPTSLESR
;
_entity_poly.pdbx_strand_id   A,B
#
loop_
_chem_comp.id
_chem_comp.type
_chem_comp.name
_chem_comp.formula
1PG non-polymer 2-(2-{2-[2-(2-METHOXY-ETHOXY)-ETHOXY]-ETHOXY}-ETHOXY)-ETHANOL 'C11 H24 O6'
CU non-polymer 'COPPER (II) ION' 'Cu 2'
EDO non-polymer 1,2-ETHANEDIOL 'C2 H6 O2'
#
# COMPACT_ATOMS: atom_id res chain seq x y z
N HIS A 9 1.36 -19.57 17.88
CA HIS A 9 0.39 -19.84 16.83
C HIS A 9 0.97 -19.47 15.48
N ILE A 10 1.25 -20.46 14.66
CA ILE A 10 1.92 -20.24 13.38
C ILE A 10 0.98 -20.62 12.26
N LEU A 11 0.59 -19.68 11.42
CA LEU A 11 -0.34 -20.02 10.35
C LEU A 11 0.39 -20.29 9.06
N ASP A 12 0.24 -21.50 8.55
CA ASP A 12 0.85 -21.89 7.28
C ASP A 12 -0.07 -21.51 6.11
N ARG A 13 0.39 -21.79 4.90
CA ARG A 13 -0.33 -21.43 3.68
C ARG A 13 -1.79 -21.89 3.70
N SER A 14 -2.04 -23.08 4.23
CA SER A 14 -3.41 -23.58 4.30
C SER A 14 -4.27 -22.78 5.27
N GLU A 15 -3.65 -22.24 6.30
CA GLU A 15 -4.40 -21.52 7.33
C GLU A 15 -4.66 -20.06 6.99
N TRP A 16 -3.75 -19.40 6.27
CA TRP A 16 -4.07 -18.07 5.76
C TRP A 16 -4.62 -18.13 4.34
N LEU A 17 -4.92 -19.33 3.87
CA LEU A 17 -5.70 -19.51 2.64
C LEU A 17 -4.96 -18.96 1.42
N GLY A 18 -3.65 -19.15 1.40
CA GLY A 18 -2.81 -18.65 0.32
C GLY A 18 -2.82 -19.54 -0.91
N GLU A 19 -2.48 -18.95 -2.05
CA GLU A 19 -2.26 -19.72 -3.27
C GLU A 19 -0.93 -20.45 -3.18
N PRO A 20 -0.79 -21.55 -3.95
CA PRO A 20 0.53 -22.19 -4.01
C PRO A 20 1.48 -21.31 -4.79
N PRO A 21 2.80 -21.44 -4.59
CA PRO A 21 3.76 -20.71 -5.41
C PRO A 21 3.55 -21.04 -6.88
N SER A 22 3.81 -20.08 -7.76
CA SER A 22 3.56 -20.27 -9.18
C SER A 22 4.77 -20.89 -9.89
N GLY A 23 5.87 -21.04 -9.15
CA GLY A 23 7.06 -21.68 -9.70
C GLY A 23 8.12 -21.88 -8.64
N LYS A 24 9.26 -22.42 -9.06
CA LYS A 24 10.35 -22.70 -8.13
C LYS A 24 11.22 -21.48 -7.91
N TYR A 25 12.02 -21.53 -6.86
CA TYR A 25 12.92 -20.43 -6.52
C TYR A 25 14.10 -21.02 -5.77
N PRO A 26 15.29 -20.39 -5.84
CA PRO A 26 16.48 -20.96 -5.21
C PRO A 26 16.27 -21.30 -3.74
N HIS A 27 16.82 -22.43 -3.32
CA HIS A 27 16.77 -22.86 -1.94
C HIS A 27 17.80 -22.12 -1.10
N LEU A 28 17.52 -22.07 0.19
CA LEU A 28 18.41 -21.50 1.19
C LEU A 28 19.21 -22.62 1.86
N LYS A 29 20.51 -22.46 2.01
CA LYS A 29 21.31 -23.44 2.77
C LYS A 29 21.16 -23.17 4.25
N LEU A 30 20.70 -24.17 4.99
CA LEU A 30 20.45 -24.02 6.43
C LEU A 30 21.55 -24.72 7.23
N PRO A 31 21.85 -24.21 8.44
CA PRO A 31 21.20 -23.06 9.07
C PRO A 31 21.69 -21.75 8.45
N VAL A 32 20.87 -20.71 8.52
CA VAL A 32 21.28 -19.38 8.06
C VAL A 32 21.78 -18.54 9.25
N SER A 33 22.60 -17.54 8.97
CA SER A 33 23.26 -16.77 10.01
C SER A 33 22.58 -15.45 10.34
N ASN A 34 21.68 -15.01 9.47
CA ASN A 34 21.13 -13.65 9.55
C ASN A 34 19.62 -13.57 9.42
N ILE A 35 19.02 -12.74 10.27
CA ILE A 35 17.60 -12.41 10.17
C ILE A 35 17.49 -10.95 9.74
N ILE A 36 16.63 -10.66 8.75
CA ILE A 36 16.42 -9.27 8.32
C ILE A 36 14.99 -8.86 8.63
N ILE A 37 14.83 -7.79 9.40
CA ILE A 37 13.52 -7.29 9.81
C ILE A 37 12.98 -6.24 8.81
N HIS A 38 11.77 -6.48 8.33
CA HIS A 38 11.07 -5.58 7.42
C HIS A 38 9.79 -5.08 8.05
N HIS A 39 9.19 -4.04 7.48
CA HIS A 39 7.75 -3.86 7.66
C HIS A 39 7.08 -3.99 6.29
N THR A 40 5.78 -4.22 6.27
CA THR A 40 5.11 -4.41 4.98
C THR A 40 4.71 -3.08 4.34
N ALA A 41 4.76 -2.00 5.12
CA ALA A 41 4.27 -0.69 4.66
C ALA A 41 2.83 -0.78 4.14
N THR A 42 2.00 -1.52 4.88
CA THR A 42 0.56 -1.55 4.67
C THR A 42 -0.11 -1.22 6.01
N GLU A 43 -1.43 -1.23 6.03
CA GLU A 43 -2.13 -1.18 7.32
C GLU A 43 -1.72 -2.42 8.12
N GLY A 44 -1.75 -2.27 9.44
CA GLY A 44 -1.47 -3.38 10.32
C GLY A 44 -2.72 -4.23 10.46
N CYS A 45 -2.65 -5.21 11.35
CA CYS A 45 -3.78 -6.11 11.54
C CYS A 45 -3.70 -6.59 12.97
N GLU A 46 -4.82 -6.54 13.69
CA GLU A 46 -4.79 -6.84 15.13
C GLU A 46 -5.64 -8.03 15.53
N GLN A 47 -6.24 -8.69 14.54
CA GLN A 47 -7.03 -9.89 14.77
C GLN A 47 -6.80 -10.82 13.59
N GLU A 48 -6.87 -12.12 13.85
CA GLU A 48 -6.50 -13.12 12.85
C GLU A 48 -7.18 -12.94 11.49
N ASP A 49 -8.49 -12.71 11.48
CA ASP A 49 -9.21 -12.60 10.22
C ASP A 49 -8.66 -11.47 9.34
N VAL A 50 -8.30 -10.35 9.97
CA VAL A 50 -7.73 -9.24 9.21
C VAL A 50 -6.31 -9.56 8.75
N CYS A 51 -5.53 -10.21 9.61
CA CYS A 51 -4.19 -10.62 9.22
C CYS A 51 -4.19 -11.56 8.02
N ILE A 52 -5.12 -12.52 8.03
CA ILE A 52 -5.25 -13.45 6.92
C ILE A 52 -5.59 -12.71 5.62
N TYR A 53 -6.53 -11.77 5.71
CA TYR A 53 -6.90 -10.95 4.55
C TYR A 53 -5.67 -10.16 4.04
N ARG A 54 -4.92 -9.55 4.95
CA ARG A 54 -3.71 -8.84 4.54
C ARG A 54 -2.70 -9.76 3.82
N MET A 55 -2.50 -10.96 4.36
CA MET A 55 -1.55 -11.93 3.80
C MET A 55 -1.96 -12.30 2.36
N LYS A 56 -3.24 -12.59 2.19
CA LYS A 56 -3.74 -12.94 0.86
C LYS A 56 -3.51 -11.79 -0.10
N THR A 57 -3.71 -10.56 0.40
CA THR A 57 -3.64 -9.39 -0.48
C THR A 57 -2.18 -9.11 -0.85
N ILE A 58 -1.30 -9.24 0.13
CA ILE A 58 0.12 -9.05 -0.14
C ILE A 58 0.63 -10.14 -1.09
N GLN A 59 0.23 -11.38 -0.87
CA GLN A 59 0.69 -12.44 -1.76
C GLN A 59 0.28 -12.12 -3.21
N ALA A 60 -0.97 -11.70 -3.38
CA ALA A 60 -1.50 -11.39 -4.70
C ALA A 60 -0.71 -10.25 -5.34
N PHE A 61 -0.40 -9.23 -4.54
CA PHE A 61 0.38 -8.07 -5.04
C PHE A 61 1.75 -8.54 -5.52
N HIS A 62 2.44 -9.32 -4.71
CA HIS A 62 3.76 -9.83 -5.09
C HIS A 62 3.71 -10.73 -6.33
N MET A 63 2.71 -11.61 -6.39
CA MET A 63 2.64 -12.52 -7.52
C MET A 63 2.15 -11.85 -8.80
N LYS A 64 1.13 -11.01 -8.68
CA LYS A 64 0.51 -10.41 -9.87
C LYS A 64 1.17 -9.11 -10.32
N SER A 65 1.49 -8.22 -9.37
CA SER A 65 2.09 -6.93 -9.70
C SER A 65 3.58 -7.07 -10.01
N PHE A 66 4.30 -7.85 -9.20
CA PHE A 66 5.74 -7.99 -9.36
C PHE A 66 6.10 -9.19 -10.21
N GLY A 67 5.15 -10.12 -10.36
CA GLY A 67 5.42 -11.34 -11.11
C GLY A 67 6.28 -12.35 -10.36
N TRP A 68 6.35 -12.25 -9.03
CA TRP A 68 7.13 -13.20 -8.24
C TRP A 68 6.40 -14.53 -8.07
N VAL A 69 7.16 -15.59 -7.75
CA VAL A 69 6.55 -16.90 -7.61
C VAL A 69 5.69 -17.02 -6.34
N ASP A 70 5.85 -16.09 -5.41
CA ASP A 70 5.18 -16.25 -4.13
C ASP A 70 5.33 -14.95 -3.35
N ILE A 71 4.54 -14.82 -2.30
CA ILE A 71 4.80 -13.75 -1.34
C ILE A 71 6.31 -13.71 -1.08
N GLY A 72 6.87 -12.51 -0.98
CA GLY A 72 8.31 -12.34 -0.99
C GLY A 72 9.03 -12.71 0.29
N TYR A 73 8.36 -12.57 1.43
CA TYR A 73 9.02 -12.75 2.72
C TYR A 73 9.10 -14.21 3.13
N ASN A 74 10.09 -14.58 3.94
CA ASN A 74 10.11 -15.91 4.51
C ASN A 74 9.01 -16.10 5.53
N PHE A 75 8.86 -15.10 6.40
CA PHE A 75 7.84 -15.09 7.44
C PHE A 75 7.32 -13.69 7.67
N LEU A 76 6.10 -13.61 8.21
CA LEU A 76 5.55 -12.33 8.64
C LEU A 76 5.02 -12.51 10.04
N VAL A 77 4.91 -11.43 10.78
CA VAL A 77 4.26 -11.49 12.09
C VAL A 77 3.14 -10.45 12.13
N GLY A 78 2.01 -10.83 12.69
CA GLY A 78 0.87 -9.93 12.75
C GLY A 78 0.70 -9.23 14.09
N GLY A 79 -0.07 -8.15 14.08
CA GLY A 79 -0.42 -7.46 15.31
C GLY A 79 -1.35 -8.31 16.18
N ASP A 80 -1.82 -9.43 15.66
CA ASP A 80 -2.57 -10.40 16.47
C ASP A 80 -1.65 -11.29 17.32
N GLY A 81 -0.34 -11.07 17.19
CA GLY A 81 0.65 -11.86 17.91
C GLY A 81 0.90 -13.23 17.29
N GLN A 82 0.51 -13.42 16.04
CA GLN A 82 0.73 -14.71 15.39
C GLN A 82 1.78 -14.65 14.28
N ILE A 83 2.39 -15.80 14.02
CA ILE A 83 3.38 -15.93 12.96
C ILE A 83 2.68 -16.43 11.70
N TYR A 84 3.01 -15.83 10.55
CA TYR A 84 2.51 -16.25 9.23
C TYR A 84 3.65 -16.77 8.37
N VAL A 85 3.53 -17.99 7.89
CA VAL A 85 4.58 -18.55 7.06
C VAL A 85 4.45 -18.05 5.64
N GLY A 86 5.51 -17.41 5.13
CA GLY A 86 5.57 -17.03 3.73
C GLY A 86 6.27 -18.11 2.94
N ARG A 87 7.46 -17.82 2.44
CA ARG A 87 8.25 -18.86 1.77
C ARG A 87 8.85 -19.88 2.74
N GLY A 88 8.86 -19.54 4.03
CA GLY A 88 9.39 -20.46 5.03
C GLY A 88 10.90 -20.49 5.13
N TRP A 89 11.45 -21.50 5.81
CA TRP A 89 12.88 -21.57 6.08
C TRP A 89 13.74 -21.96 4.87
N HIS A 90 13.14 -22.67 3.92
CA HIS A 90 13.92 -23.40 2.92
C HIS A 90 14.13 -22.70 1.57
N ILE A 91 13.37 -21.64 1.34
CA ILE A 91 13.38 -20.97 0.04
C ILE A 91 13.83 -19.54 0.23
N GLN A 92 14.69 -19.05 -0.66
CA GLN A 92 15.16 -17.68 -0.55
C GLN A 92 13.99 -16.70 -0.70
N GLY A 93 13.98 -15.67 0.13
CA GLY A 93 13.00 -14.60 -0.03
C GLY A 93 13.36 -13.62 -1.14
N GLN A 94 12.38 -12.79 -1.51
CA GLN A 94 12.55 -11.64 -2.42
C GLN A 94 11.94 -10.40 -1.78
N HIS A 95 12.52 -9.23 -2.05
CA HIS A 95 12.08 -8.00 -1.38
C HIS A 95 12.21 -6.77 -2.26
N VAL A 96 11.27 -5.84 -2.14
CA VAL A 96 11.37 -4.54 -2.80
C VAL A 96 12.41 -3.71 -2.07
N ASN A 97 13.21 -2.96 -2.81
CA ASN A 97 14.45 -2.40 -2.28
C ASN A 97 15.35 -3.59 -1.92
N GLY A 98 15.85 -4.24 -2.97
CA GLY A 98 16.48 -5.55 -2.83
C GLY A 98 17.86 -5.57 -2.21
N TYR A 99 18.31 -6.78 -1.87
CA TYR A 99 19.64 -7.00 -1.34
C TYR A 99 20.00 -8.48 -1.52
N GLY A 100 21.28 -8.81 -1.39
CA GLY A 100 21.74 -10.16 -1.68
C GLY A 100 22.22 -10.97 -0.49
N ALA A 101 22.12 -10.40 0.71
CA ALA A 101 22.59 -11.06 1.92
C ALA A 101 21.87 -12.39 2.16
N ILE A 102 22.63 -13.41 2.57
CA ILE A 102 22.09 -14.75 2.81
C ILE A 102 21.40 -14.83 4.17
N SER A 103 20.08 -14.83 4.15
CA SER A 103 19.35 -14.47 5.34
C SER A 103 17.91 -14.92 5.23
N VAL A 104 17.17 -14.79 6.33
CA VAL A 104 15.74 -15.05 6.35
C VAL A 104 15.06 -13.73 6.72
N SER A 105 13.98 -13.39 6.02
CA SER A 105 13.26 -12.16 6.33
C SER A 105 12.05 -12.39 7.23
N ILE A 106 11.83 -11.46 8.16
CA ILE A 106 10.62 -11.47 8.97
C ILE A 106 9.99 -10.10 8.77
N ALA A 107 8.80 -10.07 8.16
CA ALA A 107 8.12 -8.78 7.99
C ALA A 107 7.06 -8.57 9.05
N PHE A 108 7.18 -7.45 9.77
CA PHE A 108 6.11 -7.00 10.65
C PHE A 108 5.00 -6.42 9.78
N ILE A 109 3.83 -7.04 9.79
CA ILE A 109 2.71 -6.52 9.01
C ILE A 109 2.29 -5.18 9.60
N GLY A 110 2.28 -4.14 8.77
CA GLY A 110 2.00 -2.82 9.27
C GLY A 110 3.01 -1.81 8.77
N THR A 111 2.89 -0.59 9.30
CA THR A 111 3.76 0.51 8.94
C THR A 111 4.21 1.13 10.24
N PHE A 112 5.51 1.09 10.50
CA PHE A 112 6.00 1.51 11.82
C PHE A 112 6.90 2.73 11.78
N VAL A 113 6.48 3.72 11.01
CA VAL A 113 7.20 4.98 10.91
C VAL A 113 7.00 5.82 12.16
N ASN A 114 5.75 5.95 12.60
CA ASN A 114 5.47 6.72 13.80
C ASN A 114 4.58 6.03 14.82
N MET A 115 4.47 4.71 14.70
CA MET A 115 3.82 3.91 15.73
C MET A 115 4.64 2.64 15.95
N GLU A 116 4.61 2.09 17.15
CA GLU A 116 5.35 0.85 17.37
C GLU A 116 4.43 -0.36 17.29
N PRO A 117 5.00 -1.53 17.01
CA PRO A 117 4.21 -2.76 17.06
C PRO A 117 3.83 -3.06 18.51
N PRO A 118 2.70 -3.72 18.71
CA PRO A 118 2.36 -4.17 20.05
C PRO A 118 3.36 -5.22 20.53
N ALA A 119 3.51 -5.36 21.85
CA ALA A 119 4.43 -6.34 22.43
C ALA A 119 4.22 -7.72 21.84
N ARG A 120 2.97 -8.11 21.63
CA ARG A 120 2.72 -9.48 21.20
C ARG A 120 3.24 -9.73 19.79
N GLN A 121 3.34 -8.69 18.97
CA GLN A 121 3.89 -8.85 17.63
C GLN A 121 5.39 -9.06 17.69
N ILE A 122 6.03 -8.31 18.58
CA ILE A 122 7.46 -8.47 18.79
C ILE A 122 7.75 -9.84 19.37
N GLU A 123 6.91 -10.27 20.31
CA GLU A 123 7.10 -11.58 20.95
C GLU A 123 6.96 -12.72 19.94
N ALA A 124 6.05 -12.56 18.98
CA ALA A 124 5.88 -13.56 17.93
C ALA A 124 7.17 -13.73 17.13
N ALA A 125 7.83 -12.62 16.80
CA ALA A 125 9.09 -12.70 16.07
C ALA A 125 10.16 -13.41 16.90
N LYS A 126 10.21 -13.09 18.19
CA LYS A 126 11.17 -13.72 19.11
C LYS A 126 10.94 -15.22 19.16
N ARG A 127 9.68 -15.62 19.28
CA ARG A 127 9.36 -17.06 19.34
C ARG A 127 9.77 -17.77 18.06
N LEU A 128 9.52 -17.13 16.92
CA LEU A 128 9.91 -17.66 15.63
C LEU A 128 11.41 -17.90 15.55
N MET A 129 12.18 -16.91 15.99
CA MET A 129 13.63 -17.04 15.97
C MET A 129 14.14 -18.16 16.90
N ASP A 130 13.58 -18.31 18.11
CA ASP A 130 14.08 -19.38 18.96
CA ASP A 130 13.97 -19.37 19.03
C ASP A 130 13.75 -20.75 18.39
N GLU A 131 12.62 -20.87 17.71
CA GLU A 131 12.28 -22.14 17.07
C GLU A 131 13.22 -22.43 15.92
N GLY A 132 13.61 -21.38 15.20
CA GLY A 132 14.62 -21.49 14.17
C GLY A 132 15.91 -22.10 14.71
N VAL A 133 16.34 -21.66 15.89
CA VAL A 133 17.55 -22.19 16.48
C VAL A 133 17.36 -23.66 16.88
N ARG A 134 16.24 -23.94 17.57
CA ARG A 134 15.97 -25.30 18.04
C ARG A 134 15.98 -26.33 16.91
N LEU A 135 15.37 -25.97 15.77
CA LEU A 135 15.22 -26.91 14.67
C LEU A 135 16.34 -26.78 13.63
N HIS A 136 17.43 -26.13 14.02
CA HIS A 136 18.62 -26.04 13.18
C HIS A 136 18.39 -25.28 11.86
N ARG A 137 17.49 -24.30 11.88
CA ARG A 137 17.26 -23.43 10.71
C ARG A 137 18.12 -22.18 10.78
N LEU A 138 18.42 -21.75 12.01
CA LEU A 138 19.17 -20.53 12.30
C LEU A 138 20.36 -20.90 13.13
N GLN A 139 21.52 -20.31 12.82
CA GLN A 139 22.71 -20.61 13.60
C GLN A 139 22.52 -20.09 15.01
N PRO A 140 23.14 -20.76 15.99
CA PRO A 140 23.01 -20.33 17.39
C PRO A 140 23.46 -18.89 17.61
N ASP A 141 24.45 -18.44 16.84
CA ASP A 141 24.98 -17.09 17.03
C ASP A 141 24.46 -16.14 15.95
N TYR A 142 23.24 -16.39 15.49
CA TYR A 142 22.64 -15.57 14.43
C TYR A 142 22.56 -14.09 14.84
N HIS A 143 22.59 -13.22 13.84
CA HIS A 143 22.50 -11.78 14.04
C HIS A 143 21.22 -11.25 13.44
N ILE A 144 20.74 -10.12 13.96
CA ILE A 144 19.53 -9.47 13.44
C ILE A 144 19.87 -8.11 12.84
N TYR A 145 19.40 -7.86 11.61
CA TYR A 145 19.56 -6.57 10.96
C TYR A 145 18.23 -5.96 10.60
N ALA A 146 18.20 -4.66 10.36
CA ALA A 146 17.03 -4.00 9.77
C ALA A 146 17.21 -3.86 8.27
N HIS A 147 16.11 -4.02 7.52
CA HIS A 147 16.11 -3.88 6.08
C HIS A 147 16.83 -2.60 5.66
N ARG A 148 16.57 -1.50 6.36
CA ARG A 148 17.17 -0.21 6.00
C ARG A 148 18.69 -0.14 6.18
N GLN A 149 19.27 -1.09 6.90
CA GLN A 149 20.73 -1.12 7.03
C GLN A 149 21.34 -1.67 5.75
N LEU A 150 20.55 -2.41 4.99
CA LEU A 150 21.03 -3.12 3.81
C LEU A 150 20.60 -2.48 2.49
N SER A 151 19.58 -1.62 2.52
CA SER A 151 18.99 -1.04 1.31
C SER A 151 18.41 0.34 1.60
N PRO A 152 18.31 1.19 0.57
CA PRO A 152 17.78 2.55 0.70
C PRO A 152 16.27 2.55 0.87
N THR A 153 15.80 2.24 2.08
CA THR A 153 14.39 2.14 2.36
C THR A 153 14.11 2.65 3.77
N GLU A 154 12.86 2.97 4.07
CA GLU A 154 12.47 3.33 5.43
C GLU A 154 12.23 2.06 6.25
N SER A 155 11.93 0.97 5.56
CA SER A 155 11.65 -0.32 6.18
C SER A 155 12.77 -0.72 7.15
N PRO A 156 12.42 -1.15 8.38
CA PRO A 156 11.11 -1.56 8.88
C PRO A 156 10.33 -0.44 9.58
N GLY A 157 10.67 0.81 9.29
CA GLY A 157 10.01 1.94 9.92
C GLY A 157 10.81 2.51 11.09
N GLN A 158 10.90 3.84 11.15
CA GLN A 158 11.69 4.54 12.17
C GLN A 158 11.45 4.06 13.60
N LYS A 159 10.18 3.88 13.97
CA LYS A 159 9.86 3.51 15.34
C LYS A 159 10.29 2.08 15.68
N LEU A 160 10.03 1.16 14.76
CA LEU A 160 10.50 -0.21 14.94
C LEU A 160 12.03 -0.26 14.90
N PHE A 161 12.66 0.52 14.02
CA PHE A 161 14.11 0.59 13.98
C PHE A 161 14.69 1.07 15.32
N GLU A 162 14.05 2.07 15.92
CA GLU A 162 14.43 2.52 17.25
C GLU A 162 14.36 1.37 18.26
N LEU A 163 13.24 0.65 18.25
CA LEU A 163 13.07 -0.43 19.21
C LEU A 163 14.15 -1.49 19.05
N MET A 164 14.55 -1.73 17.80
CA MET A 164 15.55 -2.76 17.50
C MET A 164 16.91 -2.45 18.09
N GLN A 165 17.18 -1.18 18.38
CA GLN A 165 18.49 -0.81 18.93
C GLN A 165 18.78 -1.57 20.21
N ASN A 166 17.74 -1.94 20.94
CA ASN A 166 17.90 -2.64 22.22
C ASN A 166 17.57 -4.13 22.19
N TRP A 167 17.39 -4.68 20.98
CA TRP A 167 17.07 -6.09 20.86
C TRP A 167 18.31 -6.93 21.04
N PRO A 168 18.19 -8.06 21.74
CA PRO A 168 19.31 -9.02 21.76
C PRO A 168 19.62 -9.41 20.32
N ARG A 169 20.91 -9.48 20.00
CA ARG A 169 21.39 -9.93 18.68
C ARG A 169 21.29 -8.87 17.58
N PHE A 170 20.75 -7.69 17.89
CA PHE A 170 20.76 -6.64 16.89
C PHE A 170 22.17 -6.18 16.63
N THR A 171 22.53 -6.06 15.35
CA THR A 171 23.91 -5.71 14.98
C THR A 171 23.97 -4.38 14.26
N GLN A 172 24.63 -3.39 14.88
CA GLN A 172 24.74 -2.06 14.30
C GLN A 172 25.55 -2.07 13.01
N ASP A 173 26.54 -2.96 12.94
CA ASP A 173 27.41 -3.03 11.76
C ASP A 173 27.04 -4.20 10.86
N HIS B 9 -17.29 -1.92 -8.16
CA HIS B 9 -15.86 -2.04 -8.40
C HIS B 9 -15.08 -0.93 -7.68
N ILE B 10 -15.07 -1.01 -6.35
CA ILE B 10 -14.42 -0.01 -5.51
C ILE B 10 -13.36 -0.67 -4.61
N LEU B 11 -12.15 -0.16 -4.64
CA LEU B 11 -11.07 -0.67 -3.80
C LEU B 11 -10.75 0.32 -2.69
N ASP B 12 -10.96 -0.07 -1.44
CA ASP B 12 -10.59 0.83 -0.35
C ASP B 12 -9.12 0.61 0.04
N ARG B 13 -8.66 1.33 1.06
CA ARG B 13 -7.24 1.34 1.40
C ARG B 13 -6.64 -0.06 1.49
N SER B 14 -7.34 -0.96 2.18
CA SER B 14 -6.85 -2.32 2.36
C SER B 14 -6.70 -3.06 1.05
N GLU B 15 -7.55 -2.75 0.07
CA GLU B 15 -7.53 -3.47 -1.20
C GLU B 15 -6.39 -3.02 -2.11
N TRP B 16 -5.91 -1.79 -1.93
CA TRP B 16 -4.73 -1.37 -2.67
C TRP B 16 -3.49 -1.32 -1.79
N LEU B 17 -3.60 -1.95 -0.62
CA LEU B 17 -2.47 -2.09 0.31
C LEU B 17 -1.84 -0.78 0.72
N GLY B 18 -2.66 0.27 0.86
CA GLY B 18 -2.11 1.56 1.23
C GLY B 18 -1.55 1.58 2.65
N GLU B 19 -0.57 2.45 2.90
CA GLU B 19 -0.18 2.74 4.28
C GLU B 19 -1.34 3.47 4.95
N PRO B 20 -1.45 3.35 6.28
CA PRO B 20 -2.43 4.19 6.97
C PRO B 20 -2.00 5.64 6.91
N PRO B 21 -2.95 6.57 7.03
CA PRO B 21 -2.55 7.98 7.14
C PRO B 21 -1.61 8.20 8.32
N SER B 22 -0.65 9.09 8.15
CA SER B 22 0.37 9.28 9.19
C SER B 22 -0.09 10.26 10.25
N GLY B 23 -1.26 10.84 10.05
CA GLY B 23 -1.83 11.77 11.00
C GLY B 23 -3.22 12.19 10.56
N LYS B 24 -3.87 13.01 11.37
CA LYS B 24 -5.22 13.47 11.09
C LYS B 24 -5.21 14.64 10.10
N TYR B 25 -6.33 14.81 9.43
CA TYR B 25 -6.51 15.92 8.51
C TYR B 25 -7.95 16.38 8.64
N PRO B 26 -8.20 17.68 8.46
CA PRO B 26 -9.54 18.23 8.67
C PRO B 26 -10.66 17.47 7.96
N HIS B 27 -11.78 17.35 8.67
CA HIS B 27 -13.00 16.71 8.16
C HIS B 27 -13.58 17.50 6.98
N LEU B 28 -14.13 16.79 6.01
CA LEU B 28 -14.83 17.42 4.90
C LEU B 28 -16.33 17.40 5.15
N LYS B 29 -16.95 18.57 5.19
CA LYS B 29 -18.39 18.67 5.40
C LYS B 29 -19.16 18.41 4.10
N LEU B 30 -20.14 17.53 4.17
CA LEU B 30 -20.93 17.18 2.99
C LEU B 30 -22.34 17.72 3.15
N PRO B 31 -23.05 17.89 2.01
CA PRO B 31 -22.56 17.62 0.65
C PRO B 31 -21.69 18.74 0.12
N VAL B 32 -20.82 18.44 -0.83
CA VAL B 32 -20.11 19.50 -1.55
C VAL B 32 -20.80 19.79 -2.89
N SER B 33 -20.54 20.98 -3.43
CA SER B 33 -21.13 21.42 -4.69
C SER B 33 -20.17 21.27 -5.86
N ASN B 34 -18.93 20.83 -5.58
CA ASN B 34 -17.89 20.79 -6.60
C ASN B 34 -17.10 19.50 -6.62
N ILE B 35 -16.82 19.04 -7.84
CA ILE B 35 -15.88 17.95 -8.10
C ILE B 35 -14.73 18.54 -8.87
N ILE B 36 -13.50 18.22 -8.48
CA ILE B 36 -12.33 18.66 -9.23
C ILE B 36 -11.69 17.44 -9.87
N ILE B 37 -11.53 17.49 -11.19
CA ILE B 37 -10.84 16.43 -11.94
C ILE B 37 -9.36 16.69 -12.11
N HIS B 38 -8.56 15.71 -11.74
CA HIS B 38 -7.10 15.74 -11.88
C HIS B 38 -6.68 14.59 -12.75
N HIS B 39 -5.48 14.68 -13.31
CA HIS B 39 -4.78 13.46 -13.67
C HIS B 39 -3.59 13.30 -12.71
N THR B 40 -3.07 12.09 -12.57
CA THR B 40 -1.98 11.87 -11.63
C THR B 40 -0.63 12.26 -12.22
N ALA B 41 -0.61 12.47 -13.54
CA ALA B 41 0.63 12.74 -14.27
C ALA B 41 1.66 11.63 -14.03
N THR B 42 1.17 10.42 -13.81
CA THR B 42 2.02 9.25 -13.72
C THR B 42 1.75 8.34 -14.89
N GLU B 43 2.46 7.22 -14.94
CA GLU B 43 2.09 6.19 -15.88
C GLU B 43 0.68 5.67 -15.53
N GLY B 44 -0.05 5.24 -16.54
CA GLY B 44 -1.41 4.74 -16.35
C GLY B 44 -1.47 3.27 -15.97
N CYS B 45 -2.66 2.69 -15.97
CA CYS B 45 -2.82 1.28 -15.63
C CYS B 45 -4.07 0.69 -16.30
N GLU B 46 -3.93 -0.52 -16.86
CA GLU B 46 -5.03 -1.16 -17.56
C GLU B 46 -5.63 -2.33 -16.78
N GLN B 47 -4.93 -2.79 -15.76
CA GLN B 47 -5.38 -3.92 -14.97
C GLN B 47 -5.17 -3.66 -13.49
N GLU B 48 -6.01 -4.27 -12.66
CA GLU B 48 -6.01 -4.01 -11.23
C GLU B 48 -4.64 -4.08 -10.56
N ASP B 49 -3.86 -5.12 -10.86
CA ASP B 49 -2.58 -5.27 -10.18
C ASP B 49 -1.64 -4.10 -10.47
N VAL B 50 -1.70 -3.58 -11.69
CA VAL B 50 -0.87 -2.43 -12.06
C VAL B 50 -1.40 -1.18 -11.36
N CYS B 51 -2.72 -1.04 -11.32
CA CYS B 51 -3.34 0.11 -10.66
C CYS B 51 -2.98 0.19 -9.17
N ILE B 52 -2.94 -0.96 -8.51
CA ILE B 52 -2.57 -1.00 -7.10
C ILE B 52 -1.14 -0.50 -6.92
N TYR B 53 -0.24 -0.94 -7.80
CA TYR B 53 1.14 -0.45 -7.75
C TYR B 53 1.20 1.07 -7.94
N ARG B 54 0.47 1.57 -8.93
CA ARG B 54 0.44 3.01 -9.19
C ARG B 54 -0.04 3.76 -7.95
N MET B 55 -1.11 3.27 -7.33
CA MET B 55 -1.65 3.88 -6.12
C MET B 55 -0.60 4.00 -5.03
N LYS B 56 0.12 2.90 -4.80
CA LYS B 56 1.14 2.92 -3.76
C LYS B 56 2.25 3.91 -4.10
N THR B 57 2.63 4.01 -5.38
CA THR B 57 3.66 4.97 -5.76
C THR B 57 3.19 6.41 -5.57
N ILE B 58 1.93 6.68 -5.87
CA ILE B 58 1.37 8.02 -5.70
C ILE B 58 1.28 8.37 -4.20
N GLN B 59 0.76 7.45 -3.40
CA GLN B 59 0.70 7.69 -1.97
C GLN B 59 2.10 7.99 -1.44
N ALA B 60 3.07 7.18 -1.86
CA ALA B 60 4.43 7.36 -1.36
C ALA B 60 5.00 8.73 -1.71
N PHE B 61 4.78 9.14 -2.96
CA PHE B 61 5.25 10.44 -3.43
C PHE B 61 4.64 11.56 -2.59
N HIS B 62 3.33 11.53 -2.41
CA HIS B 62 2.67 12.56 -1.60
C HIS B 62 3.19 12.60 -0.17
N MET B 63 3.31 11.43 0.46
CA MET B 63 3.71 11.39 1.87
C MET B 63 5.20 11.72 2.04
N LYS B 64 6.04 11.17 1.16
CA LYS B 64 7.48 11.31 1.31
C LYS B 64 8.02 12.62 0.75
N SER B 65 7.47 13.07 -0.38
CA SER B 65 8.00 14.27 -1.02
C SER B 65 7.32 15.57 -0.59
N PHE B 66 6.05 15.50 -0.22
CA PHE B 66 5.34 16.70 0.22
C PHE B 66 5.10 16.66 1.72
N GLY B 67 5.37 15.51 2.33
CA GLY B 67 5.10 15.33 3.75
C GLY B 67 3.62 15.35 4.12
N TRP B 68 2.75 15.00 3.17
CA TRP B 68 1.31 14.92 3.47
C TRP B 68 0.98 13.69 4.31
N VAL B 69 -0.13 13.74 5.04
CA VAL B 69 -0.53 12.62 5.89
C VAL B 69 -1.00 11.41 5.08
N ASP B 70 -1.30 11.61 3.80
CA ASP B 70 -1.94 10.55 3.01
C ASP B 70 -1.91 10.94 1.56
N ILE B 71 -2.22 10.00 0.67
CA ILE B 71 -2.46 10.31 -0.72
C ILE B 71 -3.40 11.52 -0.75
N GLY B 72 -3.17 12.46 -1.67
CA GLY B 72 -3.84 13.75 -1.62
C GLY B 72 -5.30 13.74 -2.07
N TYR B 73 -5.65 12.81 -2.95
CA TYR B 73 -6.97 12.86 -3.61
C TYR B 73 -8.04 12.16 -2.78
N ASN B 74 -9.28 12.60 -2.88
CA ASN B 74 -10.38 11.87 -2.27
C ASN B 74 -10.58 10.51 -2.90
N PHE B 75 -10.55 10.47 -4.24
CA PHE B 75 -10.74 9.22 -4.98
C PHE B 75 -9.83 9.23 -6.21
N LEU B 76 -9.53 8.04 -6.70
CA LEU B 76 -8.87 7.92 -8.00
C LEU B 76 -9.64 6.93 -8.86
N VAL B 77 -9.50 7.01 -10.18
CA VAL B 77 -10.09 5.99 -11.04
C VAL B 77 -9.00 5.42 -11.93
N GLY B 78 -9.02 4.10 -12.12
CA GLY B 78 -7.97 3.45 -12.88
C GLY B 78 -8.39 3.10 -14.31
N GLY B 79 -7.40 2.83 -15.15
CA GLY B 79 -7.67 2.41 -16.51
C GLY B 79 -8.31 1.03 -16.52
N ASP B 80 -8.36 0.39 -15.35
CA ASP B 80 -9.04 -0.90 -15.20
C ASP B 80 -10.55 -0.71 -15.01
N GLY B 81 -10.99 0.54 -14.96
CA GLY B 81 -12.39 0.85 -14.79
C GLY B 81 -12.86 0.75 -13.36
N GLN B 82 -11.92 0.76 -12.42
CA GLN B 82 -12.26 0.66 -11.00
C GLN B 82 -12.02 1.97 -10.24
N ILE B 83 -12.75 2.13 -9.14
CA ILE B 83 -12.60 3.28 -8.26
C ILE B 83 -11.70 2.91 -7.10
N TYR B 84 -10.75 3.81 -6.79
CA TYR B 84 -9.81 3.62 -5.69
C TYR B 84 -10.05 4.71 -4.66
N VAL B 85 -10.31 4.31 -3.42
CA VAL B 85 -10.54 5.28 -2.37
C VAL B 85 -9.22 5.85 -1.87
N GLY B 86 -9.09 7.17 -1.92
CA GLY B 86 -7.95 7.82 -1.30
C GLY B 86 -8.37 8.30 0.08
N ARG B 87 -8.53 9.61 0.25
CA ARG B 87 -9.04 10.11 1.52
C ARG B 87 -10.54 9.84 1.74
N GLY B 88 -11.27 9.54 0.68
CA GLY B 88 -12.68 9.23 0.81
C GLY B 88 -13.58 10.46 0.90
N TRP B 89 -14.84 10.25 1.27
CA TRP B 89 -15.83 11.34 1.25
C TRP B 89 -15.72 12.31 2.42
N HIS B 90 -15.11 11.88 3.53
CA HIS B 90 -15.24 12.60 4.79
C HIS B 90 -13.99 13.32 5.28
N ILE B 91 -12.90 13.19 4.53
CA ILE B 91 -11.66 13.89 4.88
C ILE B 91 -11.27 14.80 3.72
N GLN B 92 -10.86 16.03 4.03
CA GLN B 92 -10.50 16.97 2.97
C GLN B 92 -9.32 16.47 2.18
N GLY B 93 -9.41 16.61 0.86
CA GLY B 93 -8.28 16.32 0.00
C GLY B 93 -7.26 17.43 0.10
N GLN B 94 -6.08 17.14 -0.44
CA GLN B 94 -4.94 18.03 -0.46
C GLN B 94 -4.39 18.08 -1.88
N HIS B 95 -4.09 19.28 -2.37
CA HIS B 95 -3.63 19.47 -3.74
C HIS B 95 -2.77 20.75 -3.85
N TYR B 99 -8.97 24.71 -2.06
CA TYR B 99 -10.37 24.42 -2.27
C TYR B 99 -10.78 23.07 -1.68
N GLY B 100 -9.92 22.50 -0.84
CA GLY B 100 -10.16 21.19 -0.27
C GLY B 100 -11.34 21.12 0.68
N ALA B 101 -11.74 22.27 1.20
CA ALA B 101 -12.85 22.35 2.15
C ALA B 101 -14.24 22.30 1.50
N ILE B 102 -14.30 22.55 0.20
CA ILE B 102 -15.60 22.66 -0.47
C ILE B 102 -15.66 21.87 -1.77
N SER B 103 -14.81 20.87 -1.91
CA SER B 103 -14.85 20.05 -3.11
C SER B 103 -14.31 18.68 -2.83
N VAL B 104 -14.60 17.75 -3.73
CA VAL B 104 -14.04 16.40 -3.73
C VAL B 104 -13.22 16.23 -5.01
N SER B 105 -12.02 15.68 -4.88
CA SER B 105 -11.15 15.49 -6.04
C SER B 105 -11.25 14.04 -6.54
N ILE B 106 -11.30 13.89 -7.85
CA ILE B 106 -11.17 12.58 -8.49
C ILE B 106 -9.99 12.64 -9.44
N ALA B 107 -8.97 11.82 -9.19
CA ALA B 107 -7.82 11.77 -10.09
C ALA B 107 -7.90 10.57 -11.03
N PHE B 108 -7.84 10.85 -12.33
CA PHE B 108 -7.64 9.80 -13.31
C PHE B 108 -6.18 9.35 -13.26
N ILE B 109 -5.95 8.10 -12.92
CA ILE B 109 -4.59 7.57 -12.91
C ILE B 109 -4.05 7.53 -14.33
N GLY B 110 -2.92 8.22 -14.55
CA GLY B 110 -2.34 8.32 -15.87
C GLY B 110 -2.03 9.76 -16.24
N THR B 111 -1.62 9.96 -17.48
CA THR B 111 -1.29 11.26 -18.00
C THR B 111 -2.07 11.42 -19.31
N PHE B 112 -2.85 12.49 -19.42
CA PHE B 112 -3.77 12.57 -20.53
C PHE B 112 -3.57 13.82 -21.37
N VAL B 113 -2.31 14.06 -21.71
CA VAL B 113 -1.90 15.14 -22.58
C VAL B 113 -2.12 14.76 -24.04
N ASN B 114 -1.67 13.56 -24.41
CA ASN B 114 -1.69 13.11 -25.79
C ASN B 114 -2.66 11.96 -26.04
N MET B 115 -3.51 11.67 -25.07
CA MET B 115 -4.44 10.54 -25.18
C MET B 115 -5.61 10.74 -24.25
N GLU B 116 -6.78 10.23 -24.64
CA GLU B 116 -7.95 10.26 -23.76
C GLU B 116 -7.97 9.04 -22.85
N PRO B 117 -8.57 9.18 -21.66
CA PRO B 117 -8.77 7.99 -20.82
C PRO B 117 -9.71 7.04 -21.57
N PRO B 118 -9.57 5.73 -21.35
CA PRO B 118 -10.49 4.77 -21.97
C PRO B 118 -11.91 4.96 -21.42
N ALA B 119 -12.90 4.49 -22.16
CA ALA B 119 -14.29 4.67 -21.75
C ALA B 119 -14.59 4.10 -20.36
N ARG B 120 -14.01 2.96 -20.00
CA ARG B 120 -14.33 2.36 -18.71
C ARG B 120 -13.81 3.17 -17.52
N GLN B 121 -12.77 3.97 -17.75
CA GLN B 121 -12.23 4.82 -16.69
C GLN B 121 -13.14 6.02 -16.50
N ILE B 122 -13.59 6.62 -17.60
CA ILE B 122 -14.58 7.69 -17.51
C ILE B 122 -15.86 7.19 -16.83
N GLU B 123 -16.33 6.00 -17.21
CA GLU B 123 -17.53 5.43 -16.61
C GLU B 123 -17.38 5.23 -15.10
N ALA B 124 -16.19 4.82 -14.68
CA ALA B 124 -15.90 4.66 -13.25
C ALA B 124 -16.12 5.98 -12.51
N ALA B 125 -15.59 7.07 -13.06
CA ALA B 125 -15.78 8.39 -12.47
C ALA B 125 -17.27 8.76 -12.44
N LYS B 126 -17.97 8.49 -13.54
CA LYS B 126 -19.41 8.78 -13.61
C LYS B 126 -20.20 8.00 -12.55
N ARG B 127 -19.84 6.73 -12.34
CA ARG B 127 -20.52 5.91 -11.34
C ARG B 127 -20.28 6.45 -9.94
N LEU B 128 -19.05 6.86 -9.66
CA LEU B 128 -18.69 7.45 -8.37
C LEU B 128 -19.52 8.71 -8.12
N MET B 129 -19.60 9.57 -9.13
CA MET B 129 -20.36 10.81 -8.99
C MET B 129 -21.86 10.58 -8.77
N ASP B 130 -22.44 9.61 -9.49
CA ASP B 130 -23.86 9.34 -9.30
C ASP B 130 -24.14 8.76 -7.92
N GLU B 131 -23.22 7.94 -7.41
CA GLU B 131 -23.36 7.41 -6.05
C GLU B 131 -23.27 8.55 -5.06
N GLY B 132 -22.38 9.50 -5.33
CA GLY B 132 -22.26 10.70 -4.52
C GLY B 132 -23.59 11.43 -4.46
N VAL B 133 -24.24 11.59 -5.61
CA VAL B 133 -25.51 12.30 -5.65
C VAL B 133 -26.57 11.47 -4.93
N ARG B 134 -26.59 10.18 -5.19
CA ARG B 134 -27.63 9.32 -4.63
C ARG B 134 -27.59 9.31 -3.10
N LEU B 135 -26.40 9.38 -2.55
CA LEU B 135 -26.22 9.31 -1.10
C LEU B 135 -26.09 10.67 -0.43
N HIS B 136 -26.37 11.74 -1.18
CA HIS B 136 -26.36 13.09 -0.62
C HIS B 136 -24.97 13.57 -0.21
N ARG B 137 -23.95 13.07 -0.89
CA ARG B 137 -22.59 13.53 -0.65
C ARG B 137 -22.20 14.66 -1.60
N LEU B 138 -22.88 14.68 -2.75
CA LEU B 138 -22.74 15.77 -3.73
C LEU B 138 -24.11 16.39 -3.94
N GLN B 139 -24.18 17.71 -3.97
CA GLN B 139 -25.42 18.41 -4.32
C GLN B 139 -25.93 17.91 -5.67
N PRO B 140 -27.25 17.86 -5.84
CA PRO B 140 -27.85 17.44 -7.13
C PRO B 140 -27.37 18.31 -8.30
N ASP B 141 -27.10 19.58 -8.03
CA ASP B 141 -26.63 20.49 -9.07
C ASP B 141 -25.11 20.74 -9.01
N TYR B 142 -24.35 19.77 -8.52
CA TYR B 142 -22.89 19.93 -8.40
C TYR B 142 -22.27 20.28 -9.74
N HIS B 143 -21.13 20.96 -9.68
CA HIS B 143 -20.40 21.34 -10.89
C HIS B 143 -19.09 20.58 -10.95
N ILE B 144 -18.53 20.48 -12.14
CA ILE B 144 -17.23 19.84 -12.32
C ILE B 144 -16.20 20.84 -12.84
N TYR B 145 -15.04 20.89 -12.18
CA TYR B 145 -13.96 21.77 -12.58
C TYR B 145 -12.73 20.96 -12.96
N ALA B 146 -11.89 21.52 -13.83
CA ALA B 146 -10.62 20.89 -14.14
C ALA B 146 -9.54 21.48 -13.24
N HIS B 147 -8.67 20.64 -12.70
CA HIS B 147 -7.57 21.10 -11.83
C HIS B 147 -6.85 22.32 -12.39
N ARG B 148 -6.68 22.37 -13.70
CA ARG B 148 -5.97 23.48 -14.33
C ARG B 148 -6.72 24.82 -14.24
N GLN B 149 -7.97 24.77 -13.79
CA GLN B 149 -8.75 25.99 -13.58
C GLN B 149 -8.56 26.51 -12.16
N LEU B 150 -7.78 25.77 -11.36
CA LEU B 150 -7.58 26.12 -9.96
C LEU B 150 -6.13 26.49 -9.66
N SER B 151 -5.20 25.86 -10.37
CA SER B 151 -3.77 26.07 -10.15
C SER B 151 -2.99 25.91 -11.45
N PRO B 152 -1.84 26.58 -11.54
CA PRO B 152 -0.95 26.44 -12.69
C PRO B 152 -0.54 24.99 -12.90
N THR B 153 -1.18 24.32 -13.86
CA THR B 153 -0.88 22.91 -14.13
C THR B 153 -1.48 22.41 -15.45
N GLU B 154 -0.86 21.39 -16.00
CA GLU B 154 -1.38 20.72 -17.20
C GLU B 154 -2.55 19.83 -16.80
N SER B 155 -2.62 19.50 -15.52
CA SER B 155 -3.66 18.61 -15.00
C SER B 155 -5.05 19.17 -15.29
N PRO B 156 -5.99 18.32 -15.76
CA PRO B 156 -5.89 16.87 -15.89
C PRO B 156 -5.39 16.37 -17.25
N GLY B 157 -4.63 17.18 -17.97
CA GLY B 157 -4.12 16.78 -19.28
C GLY B 157 -5.00 17.32 -20.39
N GLN B 158 -4.38 17.84 -21.45
CA GLN B 158 -5.11 18.49 -22.53
C GLN B 158 -6.30 17.69 -23.08
N LYS B 159 -6.05 16.43 -23.42
CA LYS B 159 -7.11 15.60 -24.02
C LYS B 159 -8.29 15.33 -23.08
N LEU B 160 -8.01 15.06 -21.81
CA LEU B 160 -9.08 14.86 -20.85
C LEU B 160 -9.86 16.15 -20.63
N PHE B 161 -9.13 17.27 -20.61
CA PHE B 161 -9.75 18.57 -20.44
C PHE B 161 -10.70 18.89 -21.60
N GLU B 162 -10.27 18.56 -22.81
CA GLU B 162 -11.09 18.79 -24.00
C GLU B 162 -12.35 17.92 -23.98
N LEU B 163 -12.23 16.70 -23.49
CA LEU B 163 -13.39 15.83 -23.30
C LEU B 163 -14.36 16.44 -22.31
N MET B 164 -13.84 16.86 -21.16
CA MET B 164 -14.66 17.49 -20.11
C MET B 164 -15.53 18.63 -20.65
N GLN B 165 -15.04 19.35 -21.64
CA GLN B 165 -15.76 20.49 -22.21
C GLN B 165 -17.17 20.15 -22.72
N ASN B 166 -17.40 18.87 -22.99
CA ASN B 166 -18.72 18.41 -23.42
C ASN B 166 -19.64 17.99 -22.27
N TRP B 167 -19.08 17.81 -21.08
CA TRP B 167 -19.87 17.40 -19.91
C TRP B 167 -20.78 18.53 -19.44
N PRO B 168 -22.06 18.23 -19.20
CA PRO B 168 -23.06 19.27 -18.87
C PRO B 168 -22.74 20.05 -17.59
N ARG B 169 -22.15 19.39 -16.61
CA ARG B 169 -21.85 20.01 -15.33
C ARG B 169 -20.48 20.69 -15.32
N PHE B 170 -19.75 20.57 -16.42
CA PHE B 170 -18.44 21.21 -16.49
C PHE B 170 -18.57 22.73 -16.52
N THR B 171 -17.72 23.41 -15.75
CA THR B 171 -17.79 24.88 -15.67
C THR B 171 -16.41 25.53 -15.57
N GLN B 172 -16.36 26.83 -15.80
CA GLN B 172 -15.14 27.62 -15.71
C GLN B 172 -15.36 28.93 -14.97
CU CU C . -0.38 -23.77 12.31
C1 EDO D . 8.62 -22.04 12.26
O1 EDO D . 9.52 -23.15 12.33
C2 EDO D . 7.62 -22.28 11.12
O2 EDO D . 6.83 -23.45 11.40
C1 EDO E . 9.93 -4.00 1.69
O1 EDO E . 9.86 -5.14 2.55
C2 EDO E . 9.41 -2.74 2.39
O2 EDO E . 7.99 -2.67 2.28
C2 1PG F . 15.54 -12.93 24.60
O1 1PG F . 14.71 -12.98 25.71
O2 1PG F . 15.29 -13.99 22.38
C3 1PG F . 15.60 -14.14 23.72
C4 1PG F . 15.96 -13.05 21.62
C5 1PG F . 15.60 -12.95 20.17
O3 1PG F . 15.37 -11.70 19.65
C6 1PG F . 14.13 -11.13 19.82
C7 1PG F . 13.92 -9.71 19.45
O4 1PG F . 12.99 -9.01 20.21
C8 1PG F . 13.39 -8.60 21.46
C9 1PG F . 12.38 -8.02 22.39
O5 1PG F . 12.82 -7.77 23.68
C10 1PG F . 13.58 -8.69 24.35
C1 EDO G . 4.34 3.39 0.02
O1 EDO G . 4.30 2.27 0.91
C2 EDO G . 3.01 4.12 0.09
O2 EDO G . 1.96 3.17 -0.04
C1 EDO H . 5.83 -0.32 -4.70
O1 EDO H . 5.58 -1.34 -3.73
C2 EDO H . 5.01 0.92 -4.34
O2 EDO H . 5.37 1.38 -3.04
C1 EDO I . -1.67 17.47 -9.75
O1 EDO I . -2.83 16.63 -9.64
C2 EDO I . -0.54 16.69 -10.44
O2 EDO I . -0.99 16.26 -11.73
#